data_3N7T
#
_entry.id   3N7T
#
_cell.length_a   89.410
_cell.length_b   89.410
_cell.length_c   107.010
_cell.angle_alpha   90.000
_cell.angle_beta   90.000
_cell.angle_gamma   90.000
#
_symmetry.space_group_name_H-M   'P 43 21 2'
#
loop_
_entity.id
_entity.type
_entity.pdbx_description
1 polymer 'Macrophage binding protein'
2 non-polymer 1,2-ETHANEDIOL
3 non-polymer 'CHLORIDE ION'
4 non-polymer 'PHOSPHATE ION'
5 water water
#
_entity_poly.entity_id   1
_entity_poly.type   'polypeptide(L)'
_entity_poly.pdbx_seq_one_letter_code
;GPGSMAPLPRKALLAITSAHPPFWPDGKRTGLFFSEALHPFNELTAAGFEVDVASETGTFGWDEHSLTQEYLSKEDEKVL
HSEHNHFMEKMNKQVFKAGDLAPHDYGLMFVCGGHGALYDFPHAKHLQNIAQDIYKRGGVIGAVCHGPAMLPGIHDENGD
SVIKDKTVTGFTTKGEIMIKVIDKMREDHLHTIADMAQTANAEYVPPEDPWDDFCKVDGRIVTGANPQSATNTARDTIKV
YEGIVNE
;
_entity_poly.pdbx_strand_id   A
#
loop_
_chem_comp.id
_chem_comp.type
_chem_comp.name
_chem_comp.formula
CL non-polymer 'CHLORIDE ION' 'Cl -1'
EDO non-polymer 1,2-ETHANEDIOL 'C2 H6 O2'
PO4 non-polymer 'PHOSPHATE ION' 'O4 P -3'
#
# COMPACT_ATOMS: atom_id res chain seq x y z
N PRO A 7 11.27 12.55 18.52
CA PRO A 7 11.70 11.21 18.07
C PRO A 7 10.53 10.49 17.39
N LEU A 8 10.74 9.95 16.19
CA LEU A 8 9.68 9.23 15.48
C LEU A 8 9.41 7.90 16.16
N PRO A 9 8.16 7.64 16.58
CA PRO A 9 7.85 6.35 17.24
C PRO A 9 8.12 5.14 16.34
N ARG A 10 8.61 4.05 16.92
CA ARG A 10 8.84 2.83 16.18
C ARG A 10 7.51 2.06 16.13
N LYS A 11 6.53 2.67 15.46
CA LYS A 11 5.16 2.15 15.36
C LYS A 11 4.66 2.52 13.98
N ALA A 12 4.09 1.55 13.30
CA ALA A 12 3.71 1.68 11.90
C ALA A 12 2.20 1.58 11.72
N LEU A 13 1.69 2.32 10.76
CA LEU A 13 0.28 2.20 10.35
C LEU A 13 0.27 1.45 9.02
N LEU A 14 -0.32 0.24 9.03
CA LEU A 14 -0.48 -0.56 7.82
C LEU A 14 -1.85 -0.19 7.24
N ALA A 15 -1.84 0.57 6.15
CA ALA A 15 -3.06 1.08 5.53
C ALA A 15 -3.57 0.09 4.48
N ILE A 16 -4.87 -0.22 4.55
CA ILE A 16 -5.46 -1.21 3.63
C ILE A 16 -6.71 -0.63 2.97
N THR A 17 -6.98 -1.06 1.75
CA THR A 17 -8.21 -0.67 1.07
C THR A 17 -9.46 -1.24 1.77
N SER A 18 -10.55 -0.46 1.71
CA SER A 18 -11.84 -0.84 2.24
C SER A 18 -12.78 -1.29 1.12
N ALA A 19 -12.32 -1.18 -0.13
CA ALA A 19 -13.14 -1.53 -1.27
C ALA A 19 -12.92 -3.00 -1.69
N HIS A 20 -14.01 -3.68 -2.07
CA HIS A 20 -13.89 -5.05 -2.53
C HIS A 20 -15.00 -5.45 -3.52
N PRO A 21 -15.14 -4.69 -4.63
CA PRO A 21 -16.24 -5.01 -5.55
C PRO A 21 -15.90 -6.19 -6.46
N PRO A 22 -16.92 -6.83 -7.07
CA PRO A 22 -16.64 -7.71 -8.24
C PRO A 22 -15.78 -6.93 -9.23
N PHE A 23 -14.74 -7.57 -9.78
CA PHE A 23 -13.70 -6.81 -10.50
C PHE A 23 -13.05 -7.59 -11.64
N TRP A 24 -12.62 -8.81 -11.34
CA TRP A 24 -11.86 -9.63 -12.28
C TRP A 24 -12.78 -10.21 -13.39
N PRO A 25 -12.21 -10.55 -14.56
CA PRO A 25 -13.03 -11.11 -15.68
C PRO A 25 -13.78 -12.42 -15.33
N ASP A 26 -13.24 -13.23 -14.42
CA ASP A 26 -13.96 -14.43 -13.98
C ASP A 26 -15.05 -14.11 -12.97
N GLY A 27 -15.26 -12.83 -12.66
CA GLY A 27 -16.33 -12.43 -11.74
C GLY A 27 -15.91 -12.21 -10.28
N LYS A 28 -14.69 -12.63 -9.93
CA LYS A 28 -14.21 -12.57 -8.53
C LYS A 28 -14.01 -11.14 -8.06
N ARG A 29 -14.10 -10.94 -6.74
CA ARG A 29 -13.94 -9.63 -6.13
C ARG A 29 -12.47 -9.26 -5.97
N THR A 30 -12.19 -7.97 -6.07
CA THR A 30 -10.89 -7.48 -5.67
C THR A 30 -11.02 -7.05 -4.19
N GLY A 31 -9.99 -6.37 -3.69
CA GLY A 31 -9.87 -6.04 -2.27
C GLY A 31 -8.41 -5.86 -1.93
N LEU A 32 -8.06 -6.19 -0.68
CA LEU A 32 -6.69 -6.10 -0.21
C LEU A 32 -5.91 -7.32 -0.72
N PHE A 33 -4.74 -7.10 -1.30
CA PHE A 33 -3.91 -8.19 -1.77
C PHE A 33 -3.21 -8.88 -0.59
N PHE A 34 -3.52 -10.15 -0.35
CA PHE A 34 -3.09 -10.86 0.88
C PHE A 34 -1.58 -10.75 1.20
N SER A 35 -0.73 -11.16 0.25
CA SER A 35 0.71 -11.16 0.50
C SER A 35 1.25 -9.74 0.71
N GLU A 36 0.56 -8.74 0.15
CA GLU A 36 1.00 -7.33 0.31
C GLU A 36 0.71 -6.74 1.69
N ALA A 37 -0.09 -7.44 2.51
CA ALA A 37 -0.27 -7.08 3.92
C ALA A 37 0.66 -7.92 4.78
N LEU A 38 0.70 -9.22 4.51
CA LEU A 38 1.46 -10.16 5.34
C LEU A 38 2.97 -9.91 5.30
N HIS A 39 3.53 -9.75 4.11
CA HIS A 39 5.00 -9.59 3.99
C HIS A 39 5.50 -8.32 4.65
N PRO A 40 4.87 -7.16 4.39
CA PRO A 40 5.28 -5.95 5.13
C PRO A 40 5.06 -6.09 6.64
N PHE A 41 3.95 -6.67 7.07
CA PHE A 41 3.74 -6.93 8.50
C PHE A 41 4.91 -7.73 9.11
N ASN A 42 5.35 -8.77 8.41
CA ASN A 42 6.46 -9.61 8.88
C ASN A 42 7.77 -8.82 8.99
N GLU A 43 8.05 -8.01 7.96
CA GLU A 43 9.27 -7.19 7.96
C GLU A 43 9.24 -6.13 9.07
N LEU A 44 8.10 -5.45 9.21
CA LEU A 44 7.96 -4.44 10.27
C LEU A 44 8.13 -5.06 11.67
N THR A 45 7.48 -6.21 11.89
CA THR A 45 7.57 -6.95 13.17
C THR A 45 9.01 -7.38 13.44
N ALA A 46 9.68 -7.97 12.43
CA ALA A 46 11.09 -8.37 12.57
C ALA A 46 12.02 -7.20 12.90
N ALA A 47 11.64 -5.99 12.49
CA ALA A 47 12.46 -4.82 12.79
C ALA A 47 12.02 -4.12 14.08
N GLY A 48 11.14 -4.75 14.87
CA GLY A 48 10.80 -4.20 16.19
C GLY A 48 9.68 -3.17 16.23
N PHE A 49 8.89 -3.06 15.14
CA PHE A 49 7.77 -2.10 15.10
C PHE A 49 6.51 -2.71 15.68
N GLU A 50 5.78 -1.93 16.46
CA GLU A 50 4.39 -2.24 16.69
C GLU A 50 3.59 -1.80 15.45
N VAL A 51 2.54 -2.54 15.12
CA VAL A 51 1.79 -2.30 13.89
C VAL A 51 0.29 -2.19 14.20
N ASP A 52 -0.35 -1.10 13.75
CA ASP A 52 -1.82 -1.03 13.72
C ASP A 52 -2.30 -1.11 12.26
N VAL A 53 -3.38 -1.86 12.03
CA VAL A 53 -3.97 -1.93 10.69
C VAL A 53 -5.23 -1.03 10.64
N ALA A 54 -5.39 -0.25 9.57
CA ALA A 54 -6.57 0.60 9.44
C ALA A 54 -7.05 0.68 8.00
N SER A 55 -8.37 0.75 7.82
CA SER A 55 -8.93 1.14 6.53
C SER A 55 -9.83 2.36 6.78
N GLU A 56 -10.23 3.02 5.70
CA GLU A 56 -11.04 4.22 5.81
C GLU A 56 -12.38 3.95 6.54
N THR A 57 -12.93 2.74 6.40
CA THR A 57 -14.22 2.39 7.03
C THR A 57 -14.07 1.51 8.28
N GLY A 58 -12.90 0.89 8.44
CA GLY A 58 -12.71 -0.12 9.47
C GLY A 58 -12.97 -1.55 9.02
N THR A 59 -13.43 -1.73 7.79
CA THR A 59 -13.66 -3.07 7.23
C THR A 59 -12.88 -3.23 5.92
N PHE A 60 -12.78 -4.47 5.42
CA PHE A 60 -12.07 -4.78 4.17
C PHE A 60 -12.50 -6.18 3.69
N GLY A 61 -12.14 -6.53 2.46
CA GLY A 61 -12.18 -7.91 2.03
C GLY A 61 -10.88 -8.24 1.32
N TRP A 62 -10.49 -9.51 1.31
CA TRP A 62 -9.33 -9.96 0.58
C TRP A 62 -9.61 -9.99 -0.93
N ASP A 63 -8.65 -9.53 -1.73
CA ASP A 63 -8.72 -9.80 -3.17
C ASP A 63 -8.77 -11.31 -3.38
N GLU A 64 -9.74 -11.78 -4.16
CA GLU A 64 -9.95 -13.24 -4.28
C GLU A 64 -8.84 -13.94 -5.08
N HIS A 65 -8.25 -13.24 -6.06
CA HIS A 65 -7.10 -13.81 -6.79
C HIS A 65 -5.88 -13.94 -5.88
N SER A 66 -5.76 -13.05 -4.89
CA SER A 66 -4.62 -13.07 -3.96
C SER A 66 -4.67 -14.28 -3.01
N LEU A 67 -5.83 -14.94 -2.96
CA LEU A 67 -6.01 -16.14 -2.14
C LEU A 67 -5.84 -17.45 -2.93
N THR A 68 -5.42 -17.36 -4.18
CA THR A 68 -5.19 -18.55 -5.01
C THR A 68 -3.71 -18.94 -5.00
N GLN A 69 -3.43 -20.20 -5.33
CA GLN A 69 -2.07 -20.75 -5.31
C GLN A 69 -1.10 -19.95 -6.19
N GLU A 70 -1.60 -19.42 -7.30
CA GLU A 70 -0.79 -18.55 -8.16
C GLU A 70 -0.16 -17.38 -7.39
N TYR A 71 -0.78 -16.94 -6.30
CA TYR A 71 -0.29 -15.77 -5.56
C TYR A 71 0.08 -16.00 -4.10
N LEU A 72 0.08 -17.26 -3.67
CA LEU A 72 0.43 -17.63 -2.29
C LEU A 72 1.63 -18.54 -2.27
N SER A 73 2.65 -18.21 -1.49
CA SER A 73 3.75 -19.12 -1.26
C SER A 73 3.26 -20.21 -0.33
N LYS A 74 4.12 -21.21 -0.07
CA LYS A 74 3.80 -22.28 0.88
C LYS A 74 3.62 -21.66 2.27
N GLU A 75 4.56 -20.82 2.68
CA GLU A 75 4.43 -20.10 3.96
C GLU A 75 3.12 -19.26 4.03
N ASP A 76 2.82 -18.47 2.98
CA ASP A 76 1.58 -17.65 2.91
C ASP A 76 0.32 -18.47 3.21
N GLU A 77 0.19 -19.63 2.56
CA GLU A 77 -1.00 -20.48 2.73
C GLU A 77 -1.16 -20.99 4.15
N LYS A 78 -0.06 -21.38 4.77
CA LYS A 78 -0.07 -21.83 6.18
C LYS A 78 -0.55 -20.72 7.11
N VAL A 79 -0.07 -19.48 6.89
CA VAL A 79 -0.57 -18.34 7.67
C VAL A 79 -2.08 -18.19 7.43
N LEU A 80 -2.49 -18.19 6.17
CA LEU A 80 -3.90 -17.94 5.83
C LEU A 80 -4.87 -18.90 6.56
N HIS A 81 -4.48 -20.17 6.65
CA HIS A 81 -5.35 -21.19 7.25
C HIS A 81 -5.02 -21.44 8.72
N SER A 82 -4.31 -20.52 9.36
CA SER A 82 -3.97 -20.66 10.79
C SER A 82 -4.72 -19.63 11.67
N GLU A 83 -5.55 -20.12 12.60
CA GLU A 83 -6.33 -19.22 13.48
C GLU A 83 -5.50 -18.42 14.52
N HIS A 84 -4.65 -19.13 15.29
CA HIS A 84 -3.85 -18.51 16.38
C HIS A 84 -2.77 -17.48 15.95
N ASN A 85 -2.42 -17.48 14.66
CA ASN A 85 -1.40 -16.61 14.10
C ASN A 85 -1.62 -15.11 14.39
N HIS A 86 -0.56 -14.38 14.80
CA HIS A 86 -0.71 -12.98 15.23
C HIS A 86 -1.18 -12.06 14.09
N PHE A 87 -0.64 -12.25 12.89
CA PHE A 87 -1.14 -11.51 11.71
C PHE A 87 -2.65 -11.73 11.48
N MET A 88 -3.10 -12.99 11.48
CA MET A 88 -4.52 -13.25 11.19
C MET A 88 -5.41 -12.76 12.32
N GLU A 89 -4.94 -12.81 13.56
CA GLU A 89 -5.72 -12.28 14.68
C GLU A 89 -5.91 -10.77 14.52
N LYS A 90 -4.85 -10.08 14.09
CA LYS A 90 -4.93 -8.64 13.86
C LYS A 90 -5.94 -8.35 12.73
N MET A 91 -5.79 -9.05 11.60
CA MET A 91 -6.68 -8.85 10.47
C MET A 91 -8.13 -9.19 10.78
N ASN A 92 -8.37 -10.20 11.62
CA ASN A 92 -9.74 -10.59 11.98
C ASN A 92 -10.40 -9.73 13.06
N LYS A 93 -9.63 -9.23 14.01
CA LYS A 93 -10.21 -8.58 15.19
C LYS A 93 -9.71 -7.17 15.51
N GLN A 94 -8.67 -6.69 14.83
CA GLN A 94 -8.01 -5.45 15.28
C GLN A 94 -7.94 -4.35 14.21
N VAL A 95 -8.73 -4.46 13.14
CA VAL A 95 -8.67 -3.46 12.06
C VAL A 95 -9.45 -2.22 12.54
N PHE A 96 -8.76 -1.08 12.57
CA PHE A 96 -9.37 0.18 12.99
C PHE A 96 -9.96 0.96 11.83
N LYS A 97 -10.99 1.74 12.13
CA LYS A 97 -11.40 2.84 11.27
C LYS A 97 -10.34 3.92 11.37
N ALA A 98 -9.76 4.30 10.24
CA ALA A 98 -8.58 5.17 10.24
C ALA A 98 -8.79 6.49 11.00
N GLY A 99 -9.97 7.07 10.86
CA GLY A 99 -10.30 8.34 11.53
C GLY A 99 -10.29 8.34 13.06
N ASP A 100 -10.34 7.14 13.69
CA ASP A 100 -10.30 7.05 15.14
C ASP A 100 -8.88 7.22 15.71
N LEU A 101 -7.86 6.97 14.88
CA LEU A 101 -6.50 6.85 15.39
C LEU A 101 -5.82 8.20 15.54
N ALA A 102 -4.96 8.35 16.56
CA ALA A 102 -4.21 9.59 16.74
C ALA A 102 -2.96 9.56 15.85
N PRO A 103 -2.86 10.47 14.87
CA PRO A 103 -1.75 10.32 13.90
C PRO A 103 -0.34 10.42 14.53
N HIS A 104 -0.18 11.18 15.61
CA HIS A 104 1.15 11.35 16.24
C HIS A 104 1.75 10.07 16.84
N ASP A 105 0.96 8.98 16.93
CA ASP A 105 1.44 7.69 17.43
C ASP A 105 2.38 6.96 16.43
N TYR A 106 2.41 7.39 15.17
CA TYR A 106 3.13 6.66 14.11
C TYR A 106 4.38 7.35 13.61
N GLY A 107 5.42 6.57 13.34
CA GLY A 107 6.61 7.10 12.67
C GLY A 107 6.73 6.73 11.20
N LEU A 108 5.83 5.85 10.73
CA LEU A 108 5.90 5.36 9.36
C LEU A 108 4.54 4.84 8.94
N MET A 109 4.16 5.06 7.69
CA MET A 109 2.98 4.39 7.15
C MET A 109 3.44 3.42 6.05
N PHE A 110 2.86 2.22 6.03
CA PHE A 110 3.04 1.35 4.86
C PHE A 110 1.68 1.11 4.20
N VAL A 111 1.57 1.50 2.94
CA VAL A 111 0.31 1.40 2.19
C VAL A 111 0.30 0.14 1.29
N CYS A 112 -0.60 -0.80 1.63
CA CYS A 112 -0.78 -2.05 0.89
C CYS A 112 -1.57 -1.83 -0.40
N GLY A 113 -1.48 -2.80 -1.31
CA GLY A 113 -2.17 -2.74 -2.61
C GLY A 113 -3.32 -3.73 -2.73
N GLY A 114 -3.53 -4.22 -3.96
CA GLY A 114 -4.78 -4.85 -4.38
C GLY A 114 -5.53 -3.80 -5.18
N HIS A 115 -6.26 -4.23 -6.20
CA HIS A 115 -6.99 -3.28 -7.05
C HIS A 115 -8.09 -2.50 -6.30
N GLY A 116 -8.52 -2.98 -5.13
CA GLY A 116 -9.48 -2.21 -4.34
C GLY A 116 -9.01 -0.79 -4.03
N ALA A 117 -7.69 -0.62 -3.83
CA ALA A 117 -7.02 0.67 -3.57
C ALA A 117 -7.37 1.77 -4.59
N LEU A 118 -7.58 1.38 -5.85
CA LEU A 118 -8.02 2.31 -6.90
C LEU A 118 -9.38 2.95 -6.59
N TYR A 119 -10.25 2.22 -5.87
CA TYR A 119 -11.60 2.72 -5.57
C TYR A 119 -11.62 3.73 -4.42
N ASP A 120 -10.93 3.44 -3.32
CA ASP A 120 -11.07 4.31 -2.14
C ASP A 120 -9.85 5.17 -1.81
N PHE A 121 -8.63 4.76 -2.21
CA PHE A 121 -7.43 5.50 -1.77
C PHE A 121 -7.33 6.96 -2.29
N PRO A 122 -7.70 7.22 -3.58
CA PRO A 122 -7.57 8.62 -4.01
C PRO A 122 -8.28 9.63 -3.11
N HIS A 123 -9.42 9.24 -2.52
CA HIS A 123 -10.18 10.15 -1.64
C HIS A 123 -10.25 9.69 -0.17
N ALA A 124 -9.29 8.85 0.24
CA ALA A 124 -9.30 8.31 1.62
C ALA A 124 -8.73 9.37 2.55
N LYS A 125 -9.53 10.39 2.85
CA LYS A 125 -9.00 11.55 3.55
C LYS A 125 -8.47 11.26 4.97
N HIS A 126 -9.05 10.28 5.69
CA HIS A 126 -8.58 10.01 7.06
C HIS A 126 -7.22 9.33 7.04
N LEU A 127 -7.05 8.35 6.16
CA LEU A 127 -5.72 7.75 5.97
C LEU A 127 -4.71 8.80 5.49
N GLN A 128 -5.11 9.65 4.55
CA GLN A 128 -4.21 10.68 4.01
C GLN A 128 -3.79 11.68 5.09
N ASN A 129 -4.71 12.01 5.99
CA ASN A 129 -4.39 12.89 7.11
C ASN A 129 -3.31 12.29 8.03
N ILE A 130 -3.43 10.98 8.33
CA ILE A 130 -2.44 10.29 9.14
C ILE A 130 -1.06 10.36 8.45
N ALA A 131 -1.04 10.02 7.16
CA ALA A 131 0.22 10.09 6.37
C ALA A 131 0.81 11.50 6.28
N GLN A 132 -0.02 12.52 6.11
CA GLN A 132 0.47 13.89 6.05
C GLN A 132 1.15 14.29 7.34
N ASP A 133 0.54 13.88 8.46
CA ASP A 133 1.09 14.16 9.79
C ASP A 133 2.42 13.44 10.01
N ILE A 134 2.48 12.16 9.65
CA ILE A 134 3.74 11.40 9.70
C ILE A 134 4.85 12.11 8.90
N TYR A 135 4.52 12.50 7.66
CA TYR A 135 5.51 13.07 6.77
C TYR A 135 6.01 14.45 7.29
N LYS A 136 5.06 15.24 7.81
CA LYS A 136 5.36 16.57 8.37
C LYS A 136 6.28 16.45 9.58
N ARG A 137 6.10 15.41 10.41
CA ARG A 137 7.00 15.18 11.53
C ARG A 137 8.35 14.57 11.09
N GLY A 138 8.55 14.38 9.78
CA GLY A 138 9.82 13.86 9.27
C GLY A 138 9.87 12.35 9.07
N GLY A 139 8.73 11.67 9.13
CA GLY A 139 8.66 10.21 8.96
C GLY A 139 8.58 9.73 7.51
N VAL A 140 8.27 8.44 7.33
CA VAL A 140 8.42 7.76 6.03
C VAL A 140 7.08 7.16 5.56
N ILE A 141 6.82 7.22 4.25
CA ILE A 141 5.66 6.54 3.69
C ILE A 141 6.15 5.55 2.62
N GLY A 142 5.79 4.28 2.80
CA GLY A 142 6.05 3.26 1.77
C GLY A 142 4.70 2.84 1.18
N ALA A 143 4.71 2.45 -0.09
CA ALA A 143 3.47 2.07 -0.79
C ALA A 143 3.75 1.08 -1.91
N VAL A 144 3.02 -0.03 -1.93
CA VAL A 144 3.25 -1.02 -2.98
C VAL A 144 2.02 -1.21 -3.89
N CYS A 145 2.26 -1.38 -5.23
CA CYS A 145 1.29 -2.01 -6.27
C CYS A 145 0.26 -0.95 -6.67
N HIS A 146 -0.94 -1.01 -6.12
CA HIS A 146 -1.93 0.06 -6.29
C HIS A 146 -1.98 1.02 -5.09
N GLY A 147 -1.24 0.67 -4.02
CA GLY A 147 -1.09 1.56 -2.86
C GLY A 147 -0.75 3.00 -3.20
N PRO A 148 0.10 3.24 -4.25
CA PRO A 148 0.48 4.63 -4.59
C PRO A 148 -0.67 5.51 -5.02
N ALA A 149 -1.85 4.92 -5.28
CA ALA A 149 -3.03 5.71 -5.58
C ALA A 149 -3.41 6.66 -4.44
N MET A 150 -2.94 6.40 -3.21
CA MET A 150 -3.17 7.32 -2.11
C MET A 150 -2.29 8.57 -2.18
N LEU A 151 -1.11 8.46 -2.79
CA LEU A 151 -0.07 9.50 -2.63
C LEU A 151 -0.40 10.92 -3.17
N PRO A 152 -1.11 11.00 -4.32
CA PRO A 152 -1.49 12.34 -4.81
C PRO A 152 -2.23 13.19 -3.78
N GLY A 153 -3.03 12.54 -2.93
CA GLY A 153 -3.80 13.26 -1.91
C GLY A 153 -3.08 13.49 -0.59
N ILE A 154 -1.82 13.08 -0.50
CA ILE A 154 -1.03 13.36 0.70
C ILE A 154 -0.16 14.59 0.38
N HIS A 155 -0.40 15.67 1.12
CA HIS A 155 0.17 16.98 0.78
C HIS A 155 1.28 17.46 1.69
N ASP A 156 2.20 18.26 1.11
CA ASP A 156 3.22 18.96 1.90
C ASP A 156 2.66 20.29 2.45
N GLU A 157 3.55 21.13 2.99
CA GLU A 157 3.16 22.45 3.54
C GLU A 157 2.56 23.40 2.49
N ASN A 158 2.93 23.22 1.23
CA ASN A 158 2.44 24.10 0.16
C ASN A 158 1.17 23.59 -0.54
N GLY A 159 0.61 22.47 -0.07
CA GLY A 159 -0.58 21.92 -0.71
C GLY A 159 -0.30 21.10 -1.98
N ASP A 160 0.96 20.89 -2.30
CA ASP A 160 1.34 19.96 -3.37
C ASP A 160 1.43 18.51 -2.82
N SER A 161 1.22 17.52 -3.67
CA SER A 161 1.49 16.12 -3.30
C SER A 161 2.94 15.95 -2.85
N VAL A 162 3.14 15.11 -1.83
CA VAL A 162 4.49 14.73 -1.38
C VAL A 162 5.31 14.07 -2.48
N ILE A 163 4.67 13.55 -3.52
CA ILE A 163 5.43 12.99 -4.64
C ILE A 163 5.73 13.95 -5.80
N LYS A 164 5.37 15.23 -5.67
CA LYS A 164 5.75 16.21 -6.69
C LYS A 164 7.27 16.16 -6.92
N ASP A 165 7.68 16.07 -8.20
CA ASP A 165 9.10 16.00 -8.62
C ASP A 165 9.85 14.77 -8.08
N LYS A 166 9.11 13.74 -7.64
CA LYS A 166 9.75 12.51 -7.14
C LYS A 166 9.62 11.37 -8.15
N THR A 167 10.58 10.47 -8.16
CA THR A 167 10.48 9.25 -8.94
C THR A 167 9.72 8.20 -8.13
N VAL A 168 8.69 7.64 -8.75
CA VAL A 168 7.90 6.59 -8.11
C VAL A 168 7.65 5.43 -9.07
N THR A 169 7.38 4.26 -8.51
CA THR A 169 6.88 3.16 -9.30
C THR A 169 5.51 2.69 -8.79
N GLY A 170 5.00 1.61 -9.38
CA GLY A 170 3.69 1.09 -9.02
C GLY A 170 3.20 0.21 -10.16
N PHE A 171 1.99 -0.32 -10.02
CA PHE A 171 1.50 -1.32 -10.98
C PHE A 171 1.42 -0.77 -12.39
N THR A 172 1.97 -1.52 -13.35
CA THR A 172 2.06 -1.03 -14.72
C THR A 172 0.72 -1.06 -15.45
N THR A 173 0.56 -0.15 -16.40
CA THR A 173 -0.61 -0.15 -17.30
C THR A 173 -0.52 -1.37 -18.23
N LYS A 174 0.70 -1.71 -18.66
CA LYS A 174 0.96 -2.97 -19.37
C LYS A 174 0.35 -4.18 -18.65
N GLY A 175 0.62 -4.30 -17.36
CA GLY A 175 0.02 -5.38 -16.56
C GLY A 175 -1.51 -5.36 -16.52
N GLU A 176 -2.14 -4.19 -16.38
CA GLU A 176 -3.62 -4.09 -16.37
C GLU A 176 -4.23 -4.61 -17.68
N ILE A 177 -3.53 -4.37 -18.78
CA ILE A 177 -4.00 -4.78 -20.10
C ILE A 177 -3.81 -6.30 -20.23
N MET A 178 -2.65 -6.79 -19.82
CA MET A 178 -2.35 -8.22 -19.90
C MET A 178 -3.32 -9.09 -19.09
N ILE A 179 -3.70 -8.63 -17.90
CA ILE A 179 -4.63 -9.39 -17.03
C ILE A 179 -6.09 -9.04 -17.31
N LYS A 180 -6.30 -8.17 -18.29
CA LYS A 180 -7.63 -7.93 -18.85
C LYS A 180 -8.59 -7.27 -17.87
N VAL A 181 -8.08 -6.36 -17.05
CA VAL A 181 -8.92 -5.57 -16.15
C VAL A 181 -9.01 -4.10 -16.60
N ILE A 182 -8.28 -3.74 -17.65
CA ILE A 182 -8.29 -2.34 -18.09
C ILE A 182 -9.71 -1.89 -18.50
N ASP A 183 -10.49 -2.77 -19.13
CA ASP A 183 -11.86 -2.41 -19.55
C ASP A 183 -12.71 -2.07 -18.32
N LYS A 184 -12.63 -2.90 -17.28
CA LYS A 184 -13.38 -2.67 -16.05
C LYS A 184 -12.94 -1.38 -15.37
N MET A 185 -11.62 -1.13 -15.35
CA MET A 185 -11.10 0.10 -14.74
C MET A 185 -11.69 1.34 -15.43
N ARG A 186 -11.69 1.34 -16.76
CA ARG A 186 -12.29 2.44 -17.53
C ARG A 186 -13.79 2.58 -17.26
N GLU A 187 -14.49 1.44 -17.20
CA GLU A 187 -15.94 1.42 -16.93
C GLU A 187 -16.23 2.08 -15.56
N ASP A 188 -15.39 1.80 -14.56
CA ASP A 188 -15.57 2.36 -13.23
C ASP A 188 -14.88 3.71 -13.02
N HIS A 189 -14.38 4.30 -14.09
CA HIS A 189 -13.69 5.60 -14.04
C HIS A 189 -12.47 5.62 -13.10
N LEU A 190 -11.69 4.55 -13.15
CA LEU A 190 -10.48 4.48 -12.34
C LEU A 190 -9.31 4.93 -13.20
N HIS A 191 -8.32 5.55 -12.59
CA HIS A 191 -7.11 5.95 -13.32
C HIS A 191 -6.04 4.93 -13.04
N THR A 192 -5.15 4.73 -14.00
CA THR A 192 -3.99 3.88 -13.77
C THR A 192 -3.04 4.57 -12.81
N ILE A 193 -2.21 3.79 -12.14
CA ILE A 193 -1.19 4.35 -11.25
C ILE A 193 -0.30 5.36 -11.98
N ALA A 194 0.10 5.06 -13.22
CA ALA A 194 0.99 5.95 -13.97
C ALA A 194 0.33 7.30 -14.23
N ASP A 195 -0.96 7.28 -14.57
CA ASP A 195 -1.69 8.52 -14.83
CA ASP A 195 -1.74 8.50 -14.82
C ASP A 195 -1.88 9.32 -13.54
N MET A 196 -2.17 8.63 -12.43
CA MET A 196 -2.25 9.32 -11.12
C MET A 196 -0.92 10.00 -10.72
N ALA A 197 0.18 9.29 -10.94
CA ALA A 197 1.51 9.81 -10.62
C ALA A 197 1.82 11.06 -11.45
N GLN A 198 1.52 10.99 -12.75
CA GLN A 198 1.79 12.11 -13.65
C GLN A 198 0.96 13.33 -13.28
N THR A 199 -0.32 13.11 -12.96
CA THR A 199 -1.21 14.21 -12.56
C THR A 199 -0.68 14.89 -11.29
N ALA A 200 -0.03 14.12 -10.42
CA ALA A 200 0.57 14.66 -9.21
C ALA A 200 1.96 15.29 -9.45
N ASN A 201 2.36 15.38 -10.71
CA ASN A 201 3.68 15.87 -11.10
C ASN A 201 4.84 15.02 -10.60
N ALA A 202 4.61 13.72 -10.41
CA ALA A 202 5.71 12.78 -10.11
C ALA A 202 6.22 12.18 -11.43
N GLU A 203 7.35 11.50 -11.39
CA GLU A 203 7.87 10.77 -12.55
C GLU A 203 7.65 9.27 -12.32
N TYR A 204 6.75 8.68 -13.09
CA TYR A 204 6.45 7.26 -12.99
C TYR A 204 7.49 6.44 -13.77
N VAL A 205 8.05 5.43 -13.13
CA VAL A 205 9.00 4.50 -13.78
C VAL A 205 8.51 3.05 -13.59
N PRO A 206 8.15 2.34 -14.69
CA PRO A 206 7.74 0.95 -14.62
C PRO A 206 8.95 0.00 -14.53
N PRO A 207 8.74 -1.20 -13.98
CA PRO A 207 9.77 -2.26 -14.06
C PRO A 207 9.93 -2.67 -15.54
N GLU A 208 11.04 -3.32 -15.86
CA GLU A 208 11.28 -3.81 -17.22
C GLU A 208 10.17 -4.76 -17.67
N ASP A 209 9.76 -5.67 -16.78
CA ASP A 209 8.60 -6.54 -17.00
C ASP A 209 7.62 -6.40 -15.81
N PRO A 210 6.30 -6.57 -16.06
CA PRO A 210 5.29 -6.09 -15.07
C PRO A 210 5.33 -6.76 -13.71
N TRP A 211 5.88 -7.98 -13.60
CA TRP A 211 5.95 -8.70 -12.33
C TRP A 211 7.33 -8.72 -11.66
N ASP A 212 8.29 -7.94 -12.16
CA ASP A 212 9.64 -7.88 -11.53
C ASP A 212 9.61 -7.21 -10.17
N ASP A 213 10.36 -7.78 -9.22
CA ASP A 213 10.63 -7.14 -7.93
C ASP A 213 11.34 -5.81 -8.23
N PHE A 214 10.67 -4.68 -7.96
CA PHE A 214 11.15 -3.38 -8.45
C PHE A 214 10.66 -2.28 -7.52
N CYS A 215 11.60 -1.58 -6.87
CA CYS A 215 11.31 -0.58 -5.87
C CYS A 215 12.03 0.72 -6.15
N LYS A 216 11.42 1.84 -5.73
CA LYS A 216 12.06 3.17 -5.86
C LYS A 216 12.08 3.88 -4.52
N VAL A 217 13.21 4.49 -4.19
CA VAL A 217 13.31 5.28 -2.98
C VAL A 217 13.61 6.71 -3.41
N ASP A 218 12.77 7.66 -3.00
CA ASP A 218 13.06 9.08 -3.32
C ASP A 218 12.78 9.88 -2.06
N GLY A 219 13.85 10.20 -1.34
CA GLY A 219 13.71 10.88 -0.04
C GLY A 219 12.95 9.99 0.93
N ARG A 220 11.82 10.45 1.45
CA ARG A 220 11.09 9.66 2.44
C ARG A 220 9.80 9.02 1.87
N ILE A 221 9.79 8.89 0.55
CA ILE A 221 8.73 8.18 -0.20
C ILE A 221 9.33 6.94 -0.85
N VAL A 222 8.80 5.77 -0.49
CA VAL A 222 9.28 4.51 -1.05
C VAL A 222 8.12 3.82 -1.78
N THR A 223 8.34 3.32 -3.00
CA THR A 223 7.26 2.65 -3.74
C THR A 223 7.75 1.32 -4.35
N GLY A 224 6.81 0.41 -4.59
CA GLY A 224 7.11 -0.88 -5.21
C GLY A 224 6.08 -1.15 -6.28
N ALA A 225 6.40 -2.01 -7.22
CA ALA A 225 5.59 -2.12 -8.46
C ALA A 225 4.45 -3.14 -8.41
N ASN A 226 4.50 -4.12 -7.51
CA ASN A 226 3.65 -5.32 -7.66
C ASN A 226 3.80 -6.22 -6.44
N PRO A 227 3.03 -7.33 -6.37
CA PRO A 227 3.14 -8.22 -5.17
C PRO A 227 4.57 -8.72 -4.94
N GLN A 228 5.29 -9.00 -6.03
CA GLN A 228 6.68 -9.49 -5.89
C GLN A 228 7.66 -8.42 -5.34
N SER A 229 7.21 -7.16 -5.24
CA SER A 229 8.03 -6.06 -4.72
C SER A 229 7.73 -5.73 -3.25
N ALA A 230 6.73 -6.39 -2.66
CA ALA A 230 6.22 -5.97 -1.34
C ALA A 230 7.26 -6.09 -0.23
N THR A 231 7.96 -7.23 -0.16
CA THR A 231 8.97 -7.44 0.88
C THR A 231 10.08 -6.38 0.82
N ASN A 232 10.62 -6.17 -0.37
CA ASN A 232 11.65 -5.14 -0.54
C ASN A 232 11.18 -3.69 -0.41
N THR A 233 9.93 -3.41 -0.75
CA THR A 233 9.35 -2.08 -0.48
C THR A 233 9.31 -1.83 1.03
N ALA A 234 8.90 -2.84 1.80
CA ALA A 234 8.87 -2.69 3.27
C ALA A 234 10.27 -2.55 3.84
N ARG A 235 11.20 -3.39 3.35
CA ARG A 235 12.60 -3.32 3.76
C ARG A 235 13.23 -1.94 3.47
N ASP A 236 12.99 -1.41 2.27
CA ASP A 236 13.51 -0.06 1.89
C ASP A 236 12.91 1.02 2.76
N THR A 237 11.60 0.90 3.07
CA THR A 237 10.93 1.86 3.95
C THR A 237 11.57 1.86 5.34
N ILE A 238 11.83 0.66 5.87
CA ILE A 238 12.52 0.53 7.16
C ILE A 238 13.95 1.10 7.12
N LYS A 239 14.68 0.89 6.02
CA LYS A 239 16.04 1.43 5.88
C LYS A 239 16.01 2.96 5.96
N VAL A 240 15.04 3.57 5.27
CA VAL A 240 14.91 5.03 5.31
C VAL A 240 14.62 5.53 6.75
N TYR A 241 13.68 4.88 7.43
CA TYR A 241 13.35 5.17 8.83
C TYR A 241 14.58 5.08 9.74
N GLU A 242 15.35 3.99 9.61
CA GLU A 242 16.54 3.78 10.46
C GLU A 242 17.56 4.92 10.30
N GLY A 243 17.75 5.42 9.07
CA GLY A 243 18.63 6.57 8.87
C GLY A 243 18.16 7.85 9.55
N ILE A 244 16.85 8.08 9.58
CA ILE A 244 16.28 9.29 10.19
C ILE A 244 16.44 9.25 11.71
N VAL A 245 16.13 8.11 12.33
CA VAL A 245 16.21 8.06 13.79
C VAL A 245 17.66 8.03 14.31
N ASN A 246 18.62 7.76 13.43
CA ASN A 246 20.03 7.82 13.78
C ASN A 246 20.73 9.14 13.41
N GLU A 247 19.97 10.15 12.98
CA GLU A 247 20.53 11.47 12.65
C GLU A 247 21.19 12.10 13.89
C1 EDO B . 7.11 -11.04 -2.12
O1 EDO B . 7.13 -9.61 -1.89
C2 EDO B . 8.47 -11.69 -2.07
O2 EDO B . 8.66 -12.30 -0.77
CL CL C . 3.11 0.71 -18.28
CL CL D . -16.83 -7.95 -13.11
CL CL E . -3.23 2.04 19.84
P PO4 F . 13.64 15.62 2.97
O1 PO4 F . 13.19 14.24 2.56
O2 PO4 F . 12.43 16.54 3.06
O3 PO4 F . 14.34 15.58 4.31
O4 PO4 F . 14.62 16.19 1.98
#